data_4UWK
#
_entry.id   4UWK
#
_cell.length_a   92.030
_cell.length_b   146.930
_cell.length_c   61.630
_cell.angle_alpha   90.00
_cell.angle_beta   90.00
_cell.angle_gamma   90.00
#
_symmetry.space_group_name_H-M   'P 21 21 2'
#
loop_
_entity.id
_entity.type
_entity.pdbx_description
1 polymer 'PHOSPHATIDYLINOSITOL 3-KINASE CATALYTIC SUBUNIT TYPE 3'
2 non-polymer 'SULFATE ION'
3 non-polymer GLYCEROL
4 non-polymer (2S)-1-[(5-chloro-2-thienyl)methyl]-8-[(3R,5R)-3,5-dimethylmorpholin-4-yl]-2-(trifluoromethyl)-3,4-dihydro-2H-pyrimido[1,2-a]pyrimidin-6-one
5 water water
#
_entity_poly.entity_id   1
_entity_poly.type   'polypeptide(L)'
_entity_poly.pdbx_seq_one_letter_code
;GAMSDHDLKPNAATRDQLNIIVSYPPTKQLTYEEQDLVWKFRYYLTNQEKALTKFLKCVNWDLPQEAKQALELLGKWKPM
DVEDSLELLSSHYTNPTVRRYAVARLRQADDEDLLMYLLQLVQALKYENFDDIKNGLEPTKKDSQSSVSENVSNSGINSA
EIDSSQIITSPLPSVSSPPPASKTKEVPDGENLEQDLCTFLISRACKNSTLANYLYWYVIVECEDQDTQQRDPKTHEMYL
NVMRRFSQALLKGDKSVRVMRSLLAAQQTFVDRLVHLMKAVQRESGNRKKKNERLQALLGDNEKMNLSDVELIPLPLEPQ
VKIRGIIPETATLFKSALMPAQLFFKTEDGGKYPVIFKHGDDLRQDQLILQIISLMDKLLRKENLDLKLTPYKVLATSTK
HGFMQFIQSVPVAEVLDTEGSIQNFFRKYAPSENGPNGISAEVMDTYVKSCAGYCVITYILGVGDRHLDNLLLTKTGKLF
HIDFGYILGRDPKPLPPPMKLNKEMVEGMGGTQSEQYQEFRKQCYTAFLHLRRYSNLILNLFSLMVDANIPDIALEPDKT
VKKVQDKFRLDLSDEEAVHYMQSLIDESVHALFAAVVEQIH
;
_entity_poly.pdbx_strand_id   A
#
loop_
_chem_comp.id
_chem_comp.type
_chem_comp.name
_chem_comp.formula
GOL non-polymer GLYCEROL 'C3 H8 O3'
SO4 non-polymer 'SULFATE ION' 'O4 S -2'
UJB non-polymer (2S)-1-[(5-chloro-2-thienyl)methyl]-8-[(3R,5R)-3,5-dimethylmorpholin-4-yl]-2-(trifluoromethyl)-3,4-dihydro-2H-pyrimido[1,2-a]pyrimidin-6-one 'C19 H22 Cl F3 N4 O2 S'
#
# COMPACT_ATOMS: atom_id res chain seq x y z
N LYS A 9 26.87 33.24 0.12
CA LYS A 9 27.73 32.07 0.31
C LYS A 9 28.14 31.90 1.79
N PRO A 10 27.98 30.71 2.40
CA PRO A 10 28.32 30.55 3.83
C PRO A 10 29.70 29.97 4.14
N ASN A 11 30.15 30.22 5.40
CA ASN A 11 31.40 29.73 5.98
C ASN A 11 31.28 28.24 6.33
N ALA A 12 32.42 27.61 6.73
CA ALA A 12 32.49 26.20 7.09
C ALA A 12 31.58 25.75 8.25
N ALA A 13 31.32 26.64 9.24
CA ALA A 13 30.47 26.37 10.42
C ALA A 13 28.98 26.38 10.10
N THR A 14 28.55 27.35 9.26
CA THR A 14 27.16 27.54 8.82
C THR A 14 26.70 26.35 7.96
N ARG A 15 27.58 25.88 7.04
CA ARG A 15 27.34 24.76 6.13
C ARG A 15 26.90 23.49 6.85
N ASP A 16 27.43 23.25 8.07
CA ASP A 16 27.07 22.09 8.88
C ASP A 16 25.65 22.23 9.43
N GLN A 17 25.30 23.47 9.87
CA GLN A 17 23.98 23.84 10.42
C GLN A 17 22.90 23.66 9.37
N LEU A 18 23.22 24.05 8.11
CA LEU A 18 22.36 23.91 6.95
C LEU A 18 22.14 22.42 6.65
N ASN A 19 23.22 21.62 6.74
CA ASN A 19 23.18 20.17 6.50
C ASN A 19 22.28 19.42 7.48
N ILE A 20 22.25 19.86 8.76
CA ILE A 20 21.39 19.28 9.80
C ILE A 20 19.92 19.44 9.35
N ILE A 21 19.57 20.66 8.87
CA ILE A 21 18.25 21.03 8.38
C ILE A 21 17.86 20.19 7.15
N VAL A 22 18.72 20.19 6.10
CA VAL A 22 18.51 19.48 4.82
C VAL A 22 18.26 17.96 5.03
N SER A 23 18.88 17.38 6.07
CA SER A 23 18.75 15.96 6.41
C SER A 23 17.50 15.62 7.23
N TYR A 24 16.76 16.66 7.69
CA TYR A 24 15.53 16.50 8.49
C TYR A 24 14.44 15.66 7.82
N PRO A 25 13.58 14.96 8.60
CA PRO A 25 12.46 14.24 7.98
C PRO A 25 11.52 15.24 7.28
N PRO A 26 10.79 14.83 6.23
CA PRO A 26 9.89 15.78 5.55
C PRO A 26 8.80 16.37 6.44
N THR A 27 8.45 15.62 7.50
CA THR A 27 7.42 15.93 8.49
C THR A 27 7.84 16.97 9.50
N LYS A 28 9.08 16.87 10.05
CA LYS A 28 9.60 17.79 11.07
C LYS A 28 9.40 19.25 10.67
N GLN A 29 8.79 20.03 11.58
CA GLN A 29 8.46 21.44 11.39
C GLN A 29 9.70 22.33 11.58
N LEU A 30 10.01 23.12 10.52
CA LEU A 30 11.12 24.07 10.45
C LEU A 30 10.89 25.26 11.39
N THR A 31 11.85 25.53 12.30
CA THR A 31 11.77 26.66 13.23
C THR A 31 12.04 27.94 12.45
N TYR A 32 11.65 29.11 12.98
CA TYR A 32 11.85 30.40 12.32
C TYR A 32 13.32 30.68 12.08
N GLU A 33 14.15 30.31 13.07
CA GLU A 33 15.61 30.42 13.08
C GLU A 33 16.17 29.63 11.90
N GLU A 34 15.70 28.36 11.74
CA GLU A 34 16.06 27.45 10.65
C GLU A 34 15.57 28.01 9.30
N GLN A 35 14.30 28.51 9.27
CA GLN A 35 13.64 29.10 8.10
C GLN A 35 14.44 30.26 7.54
N ASP A 36 14.99 31.09 8.42
CA ASP A 36 15.78 32.25 8.02
C ASP A 36 17.14 31.88 7.44
N LEU A 37 17.81 30.85 8.02
CA LEU A 37 19.11 30.38 7.54
C LEU A 37 19.01 29.85 6.11
N VAL A 38 17.95 29.07 5.83
CA VAL A 38 17.68 28.48 4.51
C VAL A 38 17.34 29.61 3.55
N TRP A 39 16.50 30.57 4.01
CA TRP A 39 16.09 31.74 3.25
C TRP A 39 17.30 32.56 2.80
N LYS A 40 18.29 32.75 3.70
CA LYS A 40 19.51 33.48 3.42
C LYS A 40 20.38 32.83 2.32
N PHE A 41 20.87 31.60 2.57
CA PHE A 41 21.75 30.85 1.68
C PHE A 41 20.99 29.99 0.68
N ARG A 42 19.85 30.52 0.20
CA ARG A 42 18.98 29.90 -0.80
C ARG A 42 19.70 29.78 -2.17
N TYR A 43 20.54 30.78 -2.54
CA TYR A 43 21.28 30.76 -3.79
C TYR A 43 22.49 29.83 -3.68
N TYR A 44 22.94 29.56 -2.43
CA TYR A 44 24.03 28.61 -2.17
C TYR A 44 23.50 27.16 -2.36
N LEU A 45 22.37 26.85 -1.70
CA LEU A 45 21.72 25.53 -1.69
C LEU A 45 21.20 25.07 -3.05
N THR A 46 21.24 25.93 -4.08
CA THR A 46 20.79 25.65 -5.45
C THR A 46 21.36 24.33 -6.00
N ASN A 47 22.62 24.01 -5.64
CA ASN A 47 23.36 22.81 -6.07
C ASN A 47 23.12 21.58 -5.17
N GLN A 48 22.20 21.73 -4.19
CA GLN A 48 21.80 20.68 -3.27
C GLN A 48 20.35 20.32 -3.55
N GLU A 49 20.17 19.29 -4.38
CA GLU A 49 18.89 18.71 -4.81
C GLU A 49 17.93 18.41 -3.62
N LYS A 50 18.49 17.96 -2.48
CA LYS A 50 17.81 17.60 -1.24
C LYS A 50 17.38 18.80 -0.37
N ALA A 51 17.90 20.00 -0.70
CA ALA A 51 17.62 21.23 0.05
C ALA A 51 16.38 21.94 -0.43
N LEU A 52 16.02 21.79 -1.73
CA LEU A 52 14.85 22.40 -2.36
C LEU A 52 13.56 22.19 -1.55
N THR A 53 13.34 20.97 -1.06
CA THR A 53 12.17 20.63 -0.23
C THR A 53 12.17 21.43 1.08
N LYS A 54 13.37 21.76 1.62
CA LYS A 54 13.48 22.53 2.87
C LYS A 54 13.25 24.02 2.62
N PHE A 55 13.60 24.49 1.41
CA PHE A 55 13.41 25.87 0.97
C PHE A 55 11.92 26.28 0.82
N LEU A 56 11.13 25.47 0.11
CA LEU A 56 9.71 25.76 -0.14
C LEU A 56 8.85 25.65 1.15
N LYS A 57 9.44 25.12 2.24
CA LYS A 57 8.84 24.99 3.58
C LYS A 57 9.08 26.25 4.44
N CYS A 58 9.91 27.22 3.95
CA CYS A 58 10.23 28.51 4.60
C CYS A 58 9.21 29.58 4.23
N VAL A 59 8.86 29.61 2.95
CA VAL A 59 7.97 30.54 2.27
C VAL A 59 6.55 30.58 2.85
N ASN A 60 6.01 31.80 2.95
CA ASN A 60 4.65 32.10 3.30
C ASN A 60 4.04 32.54 1.98
N TRP A 61 3.40 31.58 1.30
CA TRP A 61 2.75 31.67 -0.02
C TRP A 61 1.58 32.66 -0.04
N ASP A 62 1.11 33.10 1.17
CA ASP A 62 0.08 34.12 1.38
C ASP A 62 0.66 35.52 1.03
N LEU A 63 2.02 35.64 1.02
CA LEU A 63 2.79 36.85 0.70
C LEU A 63 3.32 36.79 -0.75
N PRO A 64 2.65 37.54 -1.65
CA PRO A 64 3.06 37.55 -3.06
C PRO A 64 4.53 37.74 -3.35
N GLN A 65 5.22 38.66 -2.64
CA GLN A 65 6.64 38.87 -2.93
C GLN A 65 7.47 37.65 -2.54
N GLU A 66 7.19 37.09 -1.32
CA GLU A 66 7.84 35.87 -0.81
C GLU A 66 7.55 34.68 -1.73
N ALA A 67 6.28 34.55 -2.21
CA ALA A 67 5.85 33.50 -3.13
C ALA A 67 6.59 33.59 -4.48
N LYS A 68 6.69 34.82 -5.06
CA LYS A 68 7.33 35.16 -6.35
C LYS A 68 8.81 34.86 -6.31
N GLN A 69 9.49 35.29 -5.22
CA GLN A 69 10.93 35.11 -4.98
C GLN A 69 11.24 33.63 -4.93
N ALA A 70 10.35 32.85 -4.26
CA ALA A 70 10.46 31.41 -4.09
C ALA A 70 10.36 30.68 -5.42
N LEU A 71 9.53 31.16 -6.35
CA LEU A 71 9.36 30.48 -7.63
C LEU A 71 10.55 30.68 -8.59
N GLU A 72 11.27 31.80 -8.46
CA GLU A 72 12.43 32.09 -9.32
C GLU A 72 13.52 31.07 -9.04
N LEU A 73 13.76 30.82 -7.75
CA LEU A 73 14.74 29.84 -7.29
C LEU A 73 14.38 28.43 -7.68
N LEU A 74 13.07 28.08 -7.65
CA LEU A 74 12.54 26.75 -8.02
C LEU A 74 12.94 26.36 -9.47
N GLY A 75 13.06 27.37 -10.33
CA GLY A 75 13.51 27.20 -11.70
C GLY A 75 15.03 27.05 -11.77
N LYS A 76 15.74 27.76 -10.87
CA LYS A 76 17.20 27.77 -10.78
C LYS A 76 17.83 26.51 -10.13
N TRP A 77 17.11 25.88 -9.17
CA TRP A 77 17.55 24.72 -8.39
C TRP A 77 18.01 23.50 -9.17
N LYS A 78 18.74 22.60 -8.46
CA LYS A 78 19.17 21.31 -8.97
C LYS A 78 17.88 20.46 -9.00
N PRO A 79 17.41 20.03 -10.20
CA PRO A 79 16.14 19.28 -10.29
C PRO A 79 15.94 18.17 -9.25
N MET A 80 14.82 18.28 -8.54
CA MET A 80 14.36 17.37 -7.49
C MET A 80 14.28 15.90 -7.90
N ASP A 81 14.48 14.97 -6.94
CA ASP A 81 14.37 13.54 -7.12
C ASP A 81 12.88 13.16 -7.19
N VAL A 82 12.57 12.01 -7.81
CA VAL A 82 11.20 11.49 -7.92
C VAL A 82 10.60 11.24 -6.51
N GLU A 83 11.38 10.64 -5.61
CA GLU A 83 10.94 10.33 -4.25
C GLU A 83 10.52 11.53 -3.44
N ASP A 84 11.18 12.69 -3.70
CA ASP A 84 10.98 13.96 -3.00
C ASP A 84 9.85 14.82 -3.54
N SER A 85 9.48 14.65 -4.83
CA SER A 85 8.40 15.42 -5.47
C SER A 85 7.05 15.15 -4.82
N LEU A 86 6.89 13.92 -4.24
CA LEU A 86 5.71 13.47 -3.50
C LEU A 86 5.36 14.42 -2.35
N GLU A 87 6.38 15.13 -1.83
CA GLU A 87 6.25 16.12 -0.74
C GLU A 87 5.40 17.30 -1.24
N LEU A 88 5.73 17.81 -2.43
CA LEU A 88 5.04 18.94 -3.03
C LEU A 88 3.56 18.68 -3.37
N LEU A 89 3.15 17.41 -3.49
CA LEU A 89 1.76 17.07 -3.82
C LEU A 89 0.86 16.89 -2.59
N SER A 90 1.39 17.16 -1.38
CA SER A 90 0.61 17.13 -0.13
C SER A 90 -0.26 18.42 0.03
N SER A 91 -1.13 18.46 1.05
CA SER A 91 -2.02 19.60 1.35
C SER A 91 -1.25 20.87 1.75
N HIS A 92 0.01 20.72 2.17
CA HIS A 92 0.90 21.81 2.58
C HIS A 92 1.14 22.80 1.47
N TYR A 93 1.01 22.35 0.21
CA TYR A 93 1.20 23.19 -0.96
C TYR A 93 -0.07 23.37 -1.75
N THR A 94 -0.33 24.63 -2.13
CA THR A 94 -1.49 25.06 -2.90
C THR A 94 -1.07 25.85 -4.15
N ASN A 95 0.22 26.21 -4.24
CA ASN A 95 0.78 26.97 -5.34
C ASN A 95 0.79 26.21 -6.66
N PRO A 96 -0.07 26.58 -7.64
CA PRO A 96 -0.08 25.87 -8.92
C PRO A 96 1.29 25.61 -9.56
N THR A 97 2.25 26.53 -9.47
CA THR A 97 3.60 26.35 -10.05
C THR A 97 4.40 25.21 -9.34
N VAL A 98 4.24 25.10 -8.01
CA VAL A 98 4.86 24.09 -7.15
C VAL A 98 4.30 22.70 -7.49
N ARG A 99 2.95 22.59 -7.46
CA ARG A 99 2.23 21.35 -7.75
C ARG A 99 2.49 20.87 -9.16
N ARG A 100 2.67 21.81 -10.11
CA ARG A 100 2.99 21.52 -11.50
C ARG A 100 4.43 21.02 -11.59
N TYR A 101 5.30 21.53 -10.71
CA TYR A 101 6.71 21.12 -10.66
C TYR A 101 6.84 19.66 -10.16
N ALA A 102 6.04 19.33 -9.12
CA ALA A 102 5.98 17.99 -8.57
C ALA A 102 5.67 16.99 -9.69
N VAL A 103 4.60 17.25 -10.46
CA VAL A 103 4.15 16.42 -11.60
C VAL A 103 5.25 16.32 -12.67
N ALA A 104 5.93 17.44 -12.94
CA ALA A 104 7.01 17.52 -13.93
C ALA A 104 8.20 16.61 -13.57
N ARG A 105 8.52 16.50 -12.25
CA ARG A 105 9.59 15.63 -11.75
C ARG A 105 9.10 14.16 -11.64
N LEU A 106 7.82 13.98 -11.22
CA LEU A 106 7.11 12.69 -11.10
C LEU A 106 7.00 11.94 -12.44
N ARG A 107 7.06 12.68 -13.56
CA ARG A 107 7.02 12.17 -14.92
C ARG A 107 8.37 11.46 -15.22
N GLN A 108 9.44 11.75 -14.42
CA GLN A 108 10.76 11.12 -14.61
C GLN A 108 10.76 9.65 -14.23
N ALA A 109 9.83 9.27 -13.33
CA ALA A 109 9.65 7.90 -12.85
C ALA A 109 9.15 7.04 -13.99
N ASP A 110 9.44 5.74 -13.92
CA ASP A 110 8.92 4.76 -14.87
C ASP A 110 7.61 4.21 -14.27
N ASP A 111 6.82 3.47 -15.08
CA ASP A 111 5.53 2.95 -14.61
C ASP A 111 5.62 2.05 -13.38
N GLU A 112 6.68 1.23 -13.28
CA GLU A 112 6.91 0.33 -12.15
C GLU A 112 6.90 1.10 -10.84
N ASP A 113 7.64 2.21 -10.80
CA ASP A 113 7.71 3.09 -9.66
C ASP A 113 6.42 3.83 -9.47
N LEU A 114 5.74 4.17 -10.55
CA LEU A 114 4.50 4.92 -10.49
C LEU A 114 3.45 4.11 -9.78
N LEU A 115 3.30 2.80 -10.13
CA LEU A 115 2.37 1.88 -9.49
C LEU A 115 2.60 1.80 -8.00
N MET A 116 3.89 1.90 -7.58
N MET A 116 3.87 1.89 -7.56
CA MET A 116 4.30 1.89 -6.18
CA MET A 116 4.20 1.86 -6.16
C MET A 116 3.70 3.07 -5.42
C MET A 116 3.72 3.09 -5.40
N TYR A 117 3.56 4.24 -6.10
CA TYR A 117 3.03 5.46 -5.47
C TYR A 117 1.59 5.80 -5.85
N LEU A 118 0.98 5.04 -6.78
CA LEU A 118 -0.36 5.29 -7.30
C LEU A 118 -1.48 5.47 -6.23
N LEU A 119 -1.57 4.61 -5.18
CA LEU A 119 -2.63 4.74 -4.17
C LEU A 119 -2.64 6.15 -3.56
N GLN A 120 -1.44 6.67 -3.29
CA GLN A 120 -1.17 7.96 -2.70
C GLN A 120 -1.42 9.08 -3.69
N LEU A 121 -1.02 8.88 -4.97
CA LEU A 121 -1.23 9.85 -6.04
C LEU A 121 -2.71 10.14 -6.25
N VAL A 122 -3.57 9.17 -5.97
CA VAL A 122 -5.01 9.33 -6.14
C VAL A 122 -5.51 10.17 -5.01
N GLN A 123 -4.97 9.95 -3.80
CA GLN A 123 -5.33 10.73 -2.61
C GLN A 123 -4.91 12.21 -2.75
N ALA A 124 -3.75 12.45 -3.41
CA ALA A 124 -3.18 13.77 -3.62
C ALA A 124 -4.05 14.66 -4.51
N LEU A 125 -4.91 14.06 -5.37
CA LEU A 125 -5.87 14.81 -6.20
C LEU A 125 -6.75 15.75 -5.35
N LYS A 126 -7.08 15.35 -4.09
CA LYS A 126 -7.86 16.10 -3.10
C LYS A 126 -7.29 17.51 -2.86
N TYR A 127 -5.98 17.72 -3.17
CA TYR A 127 -5.24 18.97 -3.02
C TYR A 127 -5.05 19.72 -4.37
N GLU A 128 -5.56 19.15 -5.46
CA GLU A 128 -5.51 19.70 -6.82
C GLU A 128 -6.58 20.79 -7.07
N ASN A 129 -6.43 21.51 -8.20
CA ASN A 129 -7.43 22.51 -8.57
C ASN A 129 -8.63 21.81 -9.20
N PHE A 130 -9.71 21.73 -8.42
CA PHE A 130 -10.97 21.06 -8.77
C PHE A 130 -11.61 21.64 -10.01
N ASP A 131 -11.41 22.95 -10.25
CA ASP A 131 -11.95 23.64 -11.42
C ASP A 131 -11.15 23.26 -12.65
N ASP A 132 -9.81 23.26 -12.53
CA ASP A 132 -8.91 22.92 -13.63
C ASP A 132 -9.19 21.52 -14.18
N ILE A 133 -9.56 20.58 -13.28
CA ILE A 133 -9.92 19.19 -13.58
C ILE A 133 -11.23 19.18 -14.40
N LYS A 134 -12.32 19.73 -13.81
CA LYS A 134 -13.64 19.92 -14.44
C LYS A 134 -13.54 20.51 -15.90
N ASN A 135 -12.65 21.49 -16.12
CA ASN A 135 -12.44 22.13 -17.42
C ASN A 135 -11.85 21.22 -18.50
N GLY A 136 -11.07 20.22 -18.10
CA GLY A 136 -10.46 19.24 -19.01
C GLY A 136 -11.49 18.46 -19.83
N LEU A 137 -12.72 18.29 -19.26
CA LEU A 137 -13.88 17.65 -19.90
C LEU A 137 -14.22 18.41 -21.23
N GLU A 138 -14.76 17.70 -22.25
CA GLU A 138 -15.11 18.29 -23.55
C GLU A 138 -16.44 19.07 -23.53
N ALA A 160 -24.78 12.25 -6.79
CA ALA A 160 -26.09 11.58 -6.74
C ALA A 160 -26.74 11.35 -8.13
N GLU A 161 -26.63 12.35 -9.07
CA GLU A 161 -27.17 12.26 -10.44
C GLU A 161 -26.35 11.27 -11.31
N ILE A 162 -25.02 11.48 -11.38
CA ILE A 162 -24.14 10.59 -12.13
C ILE A 162 -23.69 9.49 -11.19
N ASP A 163 -23.89 8.22 -11.59
CA ASP A 163 -23.45 7.05 -10.83
C ASP A 163 -22.09 6.68 -11.39
N SER A 164 -21.03 6.84 -10.56
CA SER A 164 -19.62 6.60 -10.89
C SER A 164 -19.36 5.20 -11.42
N SER A 165 -20.00 4.19 -10.78
CA SER A 165 -19.97 2.77 -11.17
C SER A 165 -20.50 2.56 -12.62
N GLN A 166 -21.31 3.52 -13.12
CA GLN A 166 -21.88 3.41 -14.44
C GLN A 166 -21.25 4.35 -15.48
N ILE A 167 -20.17 5.04 -15.16
CA ILE A 167 -19.48 5.91 -16.13
C ILE A 167 -18.86 5.08 -17.27
N ILE A 168 -18.02 4.10 -16.91
CA ILE A 168 -17.30 3.25 -17.86
C ILE A 168 -18.20 2.23 -18.60
N THR A 169 -19.35 1.89 -18.00
CA THR A 169 -20.27 0.92 -18.56
C THR A 169 -21.29 1.56 -19.47
N SER A 170 -21.34 2.89 -19.49
CA SER A 170 -22.29 3.64 -20.30
C SER A 170 -21.53 4.59 -21.23
N PRO A 171 -20.77 4.05 -22.23
CA PRO A 171 -20.08 4.95 -23.16
C PRO A 171 -21.09 5.64 -24.04
N LEU A 172 -20.82 6.91 -24.35
CA LEU A 172 -21.72 7.67 -25.21
C LEU A 172 -21.41 7.45 -26.71
N PRO A 173 -22.45 7.23 -27.57
CA PRO A 173 -22.21 7.10 -29.03
C PRO A 173 -21.72 8.39 -29.69
N ASN A 192 7.22 21.38 -20.24
CA ASN A 192 7.67 20.76 -18.99
C ASN A 192 6.62 20.86 -17.84
N LEU A 193 6.11 22.09 -17.57
CA LEU A 193 5.14 22.39 -16.53
C LEU A 193 3.78 22.88 -17.13
N GLU A 194 3.06 21.94 -17.78
CA GLU A 194 1.76 22.16 -18.42
C GLU A 194 0.66 21.21 -17.88
N GLN A 195 1.04 19.95 -17.53
CA GLN A 195 0.15 18.91 -17.00
C GLN A 195 -0.08 19.05 -15.51
N ASP A 196 -1.28 18.72 -15.05
CA ASP A 196 -1.65 18.68 -13.64
C ASP A 196 -1.52 17.22 -13.19
N LEU A 197 -1.89 16.89 -11.94
CA LEU A 197 -1.80 15.51 -11.47
C LEU A 197 -2.77 14.61 -12.25
N CYS A 198 -4.04 15.08 -12.38
CA CYS A 198 -5.11 14.40 -13.11
C CYS A 198 -4.72 14.10 -14.57
N THR A 199 -4.22 15.09 -15.33
CA THR A 199 -3.86 14.91 -16.74
C THR A 199 -2.79 13.84 -16.90
N PHE A 200 -1.74 13.95 -16.06
CA PHE A 200 -0.56 13.10 -16.05
C PHE A 200 -0.92 11.63 -15.83
N LEU A 201 -1.66 11.33 -14.73
CA LEU A 201 -2.08 9.98 -14.38
C LEU A 201 -2.90 9.35 -15.51
N ILE A 202 -3.89 10.09 -16.02
CA ILE A 202 -4.73 9.65 -17.14
C ILE A 202 -3.84 9.36 -18.36
N SER A 203 -2.88 10.27 -18.66
CA SER A 203 -1.97 10.11 -19.78
C SER A 203 -1.23 8.78 -19.75
N ARG A 204 -0.65 8.46 -18.60
CA ARG A 204 0.10 7.22 -18.39
C ARG A 204 -0.80 6.00 -18.31
N ALA A 205 -2.03 6.18 -17.77
CA ALA A 205 -3.02 5.11 -17.65
C ALA A 205 -3.46 4.62 -19.04
N CYS A 206 -3.46 5.52 -20.06
CA CYS A 206 -3.82 5.19 -21.44
C CYS A 206 -2.74 4.41 -22.19
N LYS A 207 -1.51 4.43 -21.68
CA LYS A 207 -0.39 3.75 -22.33
C LYS A 207 -0.09 2.43 -21.63
N ASN A 208 -0.50 2.31 -20.36
CA ASN A 208 -0.24 1.15 -19.52
C ASN A 208 -1.55 0.63 -18.90
N SER A 209 -1.90 -0.60 -19.30
CA SER A 209 -3.09 -1.34 -18.90
C SER A 209 -3.07 -1.72 -17.39
N THR A 210 -1.87 -1.93 -16.79
CA THR A 210 -1.73 -2.21 -15.35
C THR A 210 -2.13 -0.96 -14.53
N LEU A 211 -1.65 0.23 -14.96
CA LEU A 211 -2.01 1.51 -14.37
C LEU A 211 -3.47 1.79 -14.55
N ALA A 212 -4.01 1.56 -15.78
CA ALA A 212 -5.42 1.84 -16.11
C ALA A 212 -6.34 1.22 -15.07
N ASN A 213 -6.17 -0.08 -14.83
CA ASN A 213 -6.87 -0.93 -13.87
C ASN A 213 -6.89 -0.32 -12.47
N TYR A 214 -5.71 -0.10 -11.87
CA TYR A 214 -5.58 0.48 -10.53
C TYR A 214 -6.03 1.93 -10.50
N LEU A 215 -5.77 2.71 -11.55
CA LEU A 215 -6.30 4.07 -11.57
C LEU A 215 -7.80 4.01 -11.46
N TYR A 216 -8.43 3.14 -12.28
CA TYR A 216 -9.87 2.92 -12.32
C TYR A 216 -10.45 2.62 -10.95
N TRP A 217 -10.04 1.48 -10.37
CA TRP A 217 -10.54 1.04 -9.07
C TRP A 217 -10.17 1.96 -7.92
N TYR A 218 -9.02 2.63 -7.98
CA TYR A 218 -8.69 3.58 -6.91
C TYR A 218 -9.69 4.75 -6.92
N VAL A 219 -9.92 5.36 -8.08
CA VAL A 219 -10.83 6.46 -8.30
C VAL A 219 -12.27 6.02 -8.05
N ILE A 220 -12.68 4.81 -8.50
CA ILE A 220 -14.02 4.28 -8.24
C ILE A 220 -14.33 4.26 -6.74
N VAL A 221 -13.39 3.79 -5.90
CA VAL A 221 -13.56 3.67 -4.45
C VAL A 221 -13.65 5.06 -3.77
N GLU A 222 -12.96 6.06 -4.34
CA GLU A 222 -13.00 7.43 -3.85
C GLU A 222 -14.39 8.04 -4.13
N CYS A 223 -14.94 7.73 -5.31
CA CYS A 223 -16.26 8.13 -5.76
C CYS A 223 -17.33 7.54 -4.83
N GLU A 224 -17.22 6.25 -4.46
CA GLU A 224 -18.20 5.57 -3.61
C GLU A 224 -18.03 5.93 -2.12
N ASP A 225 -17.07 6.82 -1.76
CA ASP A 225 -16.86 7.21 -0.36
C ASP A 225 -17.99 8.12 0.11
N GLN A 226 -18.86 7.57 1.00
CA GLN A 226 -20.04 8.21 1.60
C GLN A 226 -19.64 9.38 2.50
N ASP A 227 -18.64 9.17 3.37
CA ASP A 227 -18.09 10.19 4.25
C ASP A 227 -17.68 11.41 3.41
N THR A 228 -17.02 11.18 2.24
CA THR A 228 -16.60 12.25 1.34
C THR A 228 -17.80 12.94 0.74
N GLN A 229 -18.81 12.18 0.29
CA GLN A 229 -20.03 12.73 -0.31
C GLN A 229 -20.74 13.64 0.70
N GLN A 230 -20.91 13.15 1.95
CA GLN A 230 -21.55 13.84 3.07
C GLN A 230 -20.79 15.07 3.53
N ARG A 231 -19.50 14.93 3.90
CA ARG A 231 -18.68 15.99 4.50
C ARG A 231 -17.91 16.90 3.52
N ASP A 232 -17.54 16.39 2.34
CA ASP A 232 -16.80 17.18 1.36
C ASP A 232 -17.36 17.01 -0.07
N PRO A 233 -18.61 17.50 -0.33
CA PRO A 233 -19.23 17.34 -1.66
C PRO A 233 -18.41 17.75 -2.88
N LYS A 234 -17.60 18.82 -2.76
CA LYS A 234 -16.77 19.32 -3.86
C LYS A 234 -15.62 18.35 -4.20
N THR A 235 -15.23 17.51 -3.23
CA THR A 235 -14.20 16.48 -3.43
C THR A 235 -14.83 15.30 -4.19
N HIS A 236 -16.04 14.85 -3.76
CA HIS A 236 -16.80 13.79 -4.41
C HIS A 236 -17.06 14.17 -5.87
N GLU A 237 -17.34 15.45 -6.11
CA GLU A 237 -17.60 15.98 -7.45
C GLU A 237 -16.33 15.95 -8.30
N MET A 238 -15.16 16.12 -7.68
CA MET A 238 -13.86 16.10 -8.37
C MET A 238 -13.54 14.68 -8.89
N TYR A 239 -13.69 13.68 -8.00
CA TYR A 239 -13.41 12.28 -8.32
C TYR A 239 -14.26 11.79 -9.48
N LEU A 240 -15.57 12.12 -9.46
CA LEU A 240 -16.49 11.80 -10.57
C LEU A 240 -15.95 12.43 -11.83
N ASN A 241 -15.49 13.70 -11.78
CA ASN A 241 -14.92 14.36 -12.95
C ASN A 241 -13.59 13.70 -13.44
N VAL A 242 -12.78 13.16 -12.49
CA VAL A 242 -11.55 12.43 -12.82
C VAL A 242 -11.94 11.16 -13.62
N MET A 243 -12.97 10.46 -13.12
CA MET A 243 -13.53 9.27 -13.75
C MET A 243 -14.13 9.59 -15.12
N ARG A 244 -14.73 10.80 -15.26
CA ARG A 244 -15.33 11.27 -16.52
C ARG A 244 -14.22 11.59 -17.53
N ARG A 245 -13.16 12.26 -17.08
CA ARG A 245 -11.99 12.61 -17.91
C ARG A 245 -11.27 11.36 -18.38
N PHE A 246 -11.23 10.32 -17.51
CA PHE A 246 -10.59 9.06 -17.81
C PHE A 246 -11.38 8.31 -18.88
N SER A 247 -12.70 8.11 -18.68
CA SER A 247 -13.58 7.43 -19.65
C SER A 247 -13.49 8.13 -21.01
N GLN A 248 -13.49 9.46 -20.98
CA GLN A 248 -13.39 10.31 -22.15
C GLN A 248 -12.08 10.11 -22.92
N ALA A 249 -10.94 10.14 -22.21
CA ALA A 249 -9.62 9.99 -22.83
C ALA A 249 -9.45 8.61 -23.42
N LEU A 250 -10.05 7.58 -22.79
CA LEU A 250 -9.96 6.21 -23.32
C LEU A 250 -10.75 6.11 -24.59
N LEU A 251 -11.95 6.69 -24.63
CA LEU A 251 -12.83 6.62 -25.81
C LEU A 251 -12.17 7.27 -27.03
N LYS A 252 -11.37 8.34 -26.78
CA LYS A 252 -10.61 9.10 -27.77
C LYS A 252 -9.41 8.34 -28.35
N GLY A 253 -8.95 7.31 -27.66
CA GLY A 253 -7.76 6.56 -28.04
C GLY A 253 -7.87 5.64 -29.24
N ASP A 254 -6.75 4.95 -29.58
CA ASP A 254 -6.61 3.97 -30.66
C ASP A 254 -7.33 2.63 -30.31
N LYS A 255 -7.31 1.64 -31.25
CA LYS A 255 -7.97 0.32 -31.07
C LYS A 255 -7.78 -0.28 -29.67
N SER A 256 -6.53 -0.34 -29.19
CA SER A 256 -6.10 -0.91 -27.91
C SER A 256 -6.65 -0.14 -26.69
N VAL A 257 -6.64 1.21 -26.77
CA VAL A 257 -7.12 2.12 -25.72
C VAL A 257 -8.66 2.05 -25.64
N ARG A 258 -9.33 1.85 -26.77
CA ARG A 258 -10.78 1.74 -26.78
C ARG A 258 -11.28 0.44 -26.14
N VAL A 259 -10.48 -0.64 -26.32
CA VAL A 259 -10.68 -1.98 -25.75
C VAL A 259 -10.44 -1.94 -24.23
N MET A 260 -9.44 -1.14 -23.76
CA MET A 260 -9.12 -0.95 -22.32
C MET A 260 -10.38 -0.52 -21.58
N ARG A 261 -11.18 0.38 -22.20
CA ARG A 261 -12.43 0.90 -21.68
C ARG A 261 -13.49 -0.20 -21.59
N SER A 262 -13.61 -1.07 -22.60
CA SER A 262 -14.58 -2.20 -22.59
C SER A 262 -14.18 -3.21 -21.51
N LEU A 263 -12.86 -3.49 -21.42
CA LEU A 263 -12.29 -4.36 -20.40
C LEU A 263 -12.62 -3.89 -18.99
N LEU A 264 -12.51 -2.59 -18.75
CA LEU A 264 -12.81 -2.02 -17.43
C LEU A 264 -14.32 -2.16 -17.14
N ALA A 265 -15.18 -1.98 -18.18
CA ALA A 265 -16.63 -2.10 -18.07
C ALA A 265 -16.97 -3.54 -17.70
N ALA A 266 -16.37 -4.52 -18.42
CA ALA A 266 -16.49 -5.96 -18.18
C ALA A 266 -16.15 -6.29 -16.73
N GLN A 267 -15.02 -5.75 -16.23
CA GLN A 267 -14.55 -5.90 -14.86
C GLN A 267 -15.58 -5.30 -13.89
N GLN A 268 -16.02 -4.05 -14.15
CA GLN A 268 -17.03 -3.37 -13.33
C GLN A 268 -18.34 -4.19 -13.22
N THR A 269 -18.83 -4.69 -14.35
CA THR A 269 -20.01 -5.52 -14.51
C THR A 269 -19.89 -6.85 -13.73
N PHE A 270 -18.73 -7.54 -13.90
CA PHE A 270 -18.39 -8.78 -13.24
C PHE A 270 -18.44 -8.62 -11.72
N VAL A 271 -17.82 -7.53 -11.19
CA VAL A 271 -17.77 -7.25 -9.76
C VAL A 271 -19.19 -7.01 -9.20
N ASP A 272 -19.99 -6.21 -9.93
CA ASP A 272 -21.38 -5.89 -9.67
C ASP A 272 -22.23 -7.18 -9.50
N ARG A 273 -22.01 -8.19 -10.36
CA ARG A 273 -22.71 -9.47 -10.31
C ARG A 273 -22.24 -10.34 -9.13
N LEU A 274 -20.93 -10.29 -8.81
CA LEU A 274 -20.35 -11.02 -7.71
C LEU A 274 -20.89 -10.47 -6.40
N VAL A 275 -21.15 -9.13 -6.34
CA VAL A 275 -21.76 -8.46 -5.18
C VAL A 275 -23.19 -8.93 -5.02
N HIS A 276 -23.99 -8.89 -6.10
CA HIS A 276 -25.38 -9.32 -6.14
C HIS A 276 -25.49 -10.78 -5.66
N LEU A 277 -24.55 -11.65 -6.09
CA LEU A 277 -24.45 -13.03 -5.64
C LEU A 277 -24.12 -13.07 -4.13
N MET A 278 -23.19 -12.22 -3.68
CA MET A 278 -22.77 -12.17 -2.28
C MET A 278 -23.94 -11.79 -1.37
N LYS A 279 -24.65 -10.68 -1.69
CA LYS A 279 -25.84 -10.22 -0.96
C LYS A 279 -26.86 -11.38 -0.74
N ALA A 280 -27.12 -12.15 -1.82
CA ALA A 280 -28.01 -13.32 -1.85
C ALA A 280 -27.52 -14.41 -0.87
N VAL A 281 -26.23 -14.79 -0.97
CA VAL A 281 -25.59 -15.81 -0.12
C VAL A 281 -25.61 -15.37 1.36
N GLN A 282 -25.25 -14.10 1.63
CA GLN A 282 -25.26 -13.50 2.95
C GLN A 282 -26.68 -13.43 3.55
N ARG A 283 -27.70 -13.39 2.67
CA ARG A 283 -29.10 -13.34 3.07
C ARG A 283 -29.73 -14.73 3.27
N GLU A 284 -29.29 -15.75 2.47
CA GLU A 284 -29.79 -17.14 2.56
C GLU A 284 -29.94 -17.57 4.00
N SER A 285 -31.17 -17.97 4.38
CA SER A 285 -31.48 -18.43 5.73
C SER A 285 -30.95 -19.84 5.87
N GLY A 286 -30.14 -20.07 6.90
CA GLY A 286 -29.55 -21.37 7.16
C GLY A 286 -28.18 -21.30 7.80
N ASN A 287 -27.45 -22.44 7.76
CA ASN A 287 -26.10 -22.59 8.29
C ASN A 287 -25.03 -22.33 7.20
N ARG A 288 -23.73 -22.56 7.50
CA ARG A 288 -22.67 -22.36 6.51
C ARG A 288 -22.85 -23.31 5.30
N LYS A 289 -23.29 -24.56 5.56
CA LYS A 289 -23.55 -25.54 4.52
C LYS A 289 -24.70 -25.08 3.59
N LYS A 290 -25.74 -24.42 4.16
CA LYS A 290 -26.89 -23.96 3.37
C LYS A 290 -26.48 -22.82 2.43
N LYS A 291 -25.71 -21.84 2.97
CA LYS A 291 -25.24 -20.68 2.23
C LYS A 291 -24.22 -21.05 1.14
N ASN A 292 -23.36 -22.04 1.40
CA ASN A 292 -22.37 -22.53 0.43
C ASN A 292 -23.08 -23.16 -0.75
N GLU A 293 -24.11 -23.98 -0.50
CA GLU A 293 -24.87 -24.65 -1.56
C GLU A 293 -25.58 -23.63 -2.45
N ARG A 294 -25.98 -22.48 -1.87
CA ARG A 294 -26.62 -21.35 -2.55
C ARG A 294 -25.55 -20.67 -3.40
N LEU A 295 -24.34 -20.47 -2.81
CA LEU A 295 -23.14 -19.89 -3.42
C LEU A 295 -22.74 -20.64 -4.70
N GLN A 296 -22.55 -21.97 -4.59
CA GLN A 296 -22.17 -22.86 -5.69
C GLN A 296 -23.30 -22.98 -6.73
N ALA A 297 -24.57 -22.97 -6.28
CA ALA A 297 -25.73 -23.07 -7.16
C ALA A 297 -25.80 -21.89 -8.11
N LEU A 298 -25.65 -20.67 -7.56
CA LEU A 298 -25.68 -19.43 -8.33
C LEU A 298 -24.48 -19.27 -9.23
N LEU A 299 -23.29 -19.71 -8.75
CA LEU A 299 -22.04 -19.69 -9.53
C LEU A 299 -22.12 -20.63 -10.71
N GLY A 300 -22.81 -21.76 -10.52
CA GLY A 300 -23.08 -22.75 -11.56
C GLY A 300 -24.01 -22.21 -12.63
N ASP A 301 -25.01 -21.40 -12.23
CA ASP A 301 -25.99 -20.78 -13.13
C ASP A 301 -25.37 -19.66 -13.99
N ASN A 302 -24.59 -20.02 -15.00
CA ASN A 302 -23.93 -19.02 -15.83
C ASN A 302 -24.90 -18.16 -16.65
N GLU A 303 -26.03 -18.72 -17.11
CA GLU A 303 -27.03 -17.93 -17.87
C GLU A 303 -27.65 -16.85 -16.99
N LYS A 304 -27.99 -17.21 -15.73
CA LYS A 304 -28.51 -16.22 -14.77
C LYS A 304 -27.40 -15.22 -14.37
N MET A 305 -26.41 -15.70 -13.60
CA MET A 305 -25.37 -14.90 -12.97
C MET A 305 -24.18 -14.44 -13.82
N ASN A 306 -23.75 -15.20 -14.86
CA ASN A 306 -22.61 -14.84 -15.72
C ASN A 306 -21.28 -14.66 -14.96
N LEU A 307 -20.93 -15.64 -14.10
CA LEU A 307 -19.71 -15.59 -13.29
C LEU A 307 -18.74 -16.80 -13.50
N SER A 308 -19.23 -17.93 -14.05
CA SER A 308 -18.39 -19.12 -14.25
C SER A 308 -17.73 -19.20 -15.63
N ASP A 309 -18.38 -18.66 -16.66
CA ASP A 309 -17.84 -18.63 -18.02
C ASP A 309 -18.05 -17.24 -18.56
N VAL A 310 -16.95 -16.51 -18.68
CA VAL A 310 -16.88 -15.15 -19.19
C VAL A 310 -15.67 -15.09 -20.13
N GLU A 311 -15.68 -14.10 -21.04
CA GLU A 311 -14.56 -13.92 -21.94
C GLU A 311 -13.43 -13.34 -21.13
N LEU A 312 -12.21 -13.82 -21.40
CA LEU A 312 -10.98 -13.41 -20.73
C LEU A 312 -10.97 -11.93 -20.36
N ILE A 313 -10.98 -11.62 -19.05
CA ILE A 313 -10.95 -10.25 -18.50
C ILE A 313 -9.92 -10.18 -17.40
N PRO A 314 -9.17 -9.06 -17.25
CA PRO A 314 -8.13 -9.03 -16.20
C PRO A 314 -8.73 -9.04 -14.81
N LEU A 315 -8.08 -9.78 -13.89
CA LEU A 315 -8.48 -9.84 -12.49
C LEU A 315 -8.24 -8.45 -11.88
N PRO A 316 -9.28 -7.73 -11.37
CA PRO A 316 -9.02 -6.37 -10.81
C PRO A 316 -7.91 -6.35 -9.76
N LEU A 317 -7.80 -7.44 -8.99
CA LEU A 317 -6.82 -7.65 -7.94
C LEU A 317 -5.39 -7.59 -8.45
N GLU A 318 -5.11 -8.30 -9.56
CA GLU A 318 -3.81 -8.40 -10.19
C GLU A 318 -4.06 -8.49 -11.71
N PRO A 319 -4.17 -7.32 -12.44
CA PRO A 319 -4.59 -7.35 -13.87
C PRO A 319 -3.72 -8.14 -14.84
N GLN A 320 -2.47 -8.40 -14.48
CA GLN A 320 -1.55 -9.19 -15.30
C GLN A 320 -2.11 -10.62 -15.45
N VAL A 321 -2.99 -11.04 -14.49
CA VAL A 321 -3.69 -12.32 -14.48
C VAL A 321 -5.07 -12.11 -15.14
N LYS A 322 -5.33 -12.77 -16.28
CA LYS A 322 -6.62 -12.71 -17.00
C LYS A 322 -7.45 -13.95 -16.58
N ILE A 323 -8.78 -13.80 -16.41
CA ILE A 323 -9.62 -14.90 -15.92
C ILE A 323 -10.81 -15.23 -16.85
N ARG A 324 -11.17 -16.54 -16.89
CA ARG A 324 -12.27 -17.13 -17.68
C ARG A 324 -13.56 -17.19 -16.83
N GLY A 325 -13.42 -16.94 -15.53
CA GLY A 325 -14.51 -16.97 -14.55
C GLY A 325 -14.16 -17.66 -13.24
N ILE A 326 -15.20 -18.00 -12.46
CA ILE A 326 -15.06 -18.65 -11.16
C ILE A 326 -15.46 -20.14 -11.24
N ILE A 327 -14.69 -21.04 -10.62
CA ILE A 327 -15.05 -22.45 -10.51
C ILE A 327 -16.23 -22.53 -9.50
N PRO A 328 -17.43 -23.03 -9.88
CA PRO A 328 -18.56 -23.02 -8.95
C PRO A 328 -18.43 -23.96 -7.76
N GLU A 329 -17.92 -25.16 -7.99
CA GLU A 329 -17.83 -26.27 -7.02
C GLU A 329 -16.75 -26.14 -5.90
N THR A 330 -15.76 -25.23 -5.98
CA THR A 330 -14.70 -25.08 -4.96
C THR A 330 -14.94 -23.85 -4.07
N ALA A 331 -16.03 -23.13 -4.35
CA ALA A 331 -16.42 -21.91 -3.66
C ALA A 331 -17.14 -22.23 -2.34
N THR A 332 -16.71 -21.57 -1.27
CA THR A 332 -17.19 -21.74 0.10
C THR A 332 -16.97 -20.43 0.85
N LEU A 333 -17.72 -20.26 1.95
CA LEU A 333 -17.58 -19.16 2.87
C LEU A 333 -16.63 -19.54 3.98
N PHE A 334 -15.95 -18.56 4.55
CA PHE A 334 -15.08 -18.78 5.70
C PHE A 334 -16.00 -18.80 6.93
N LYS A 335 -15.57 -19.49 8.01
CA LYS A 335 -16.34 -19.63 9.26
C LYS A 335 -16.86 -18.29 9.83
N SER A 336 -16.05 -17.20 9.65
CA SER A 336 -16.26 -15.81 10.03
C SER A 336 -17.72 -15.33 9.83
N ALA A 337 -18.19 -14.46 10.75
CA ALA A 337 -19.54 -13.89 10.75
C ALA A 337 -19.79 -12.89 9.64
N LEU A 338 -18.70 -12.28 9.08
CA LEU A 338 -18.77 -11.32 7.97
C LEU A 338 -19.15 -12.04 6.67
N MET A 339 -19.10 -13.39 6.70
CA MET A 339 -19.37 -14.30 5.60
C MET A 339 -18.51 -14.00 4.36
N PRO A 340 -17.16 -14.04 4.45
CA PRO A 340 -16.36 -13.79 3.26
C PRO A 340 -16.23 -15.08 2.43
N ALA A 341 -16.01 -14.97 1.11
CA ALA A 341 -15.96 -16.19 0.31
C ALA A 341 -14.59 -16.50 -0.24
N GLN A 342 -14.27 -17.81 -0.35
CA GLN A 342 -13.06 -18.26 -1.00
C GLN A 342 -13.51 -18.66 -2.39
N LEU A 343 -13.05 -17.94 -3.38
CA LEU A 343 -13.43 -18.18 -4.77
C LEU A 343 -12.20 -18.49 -5.56
N PHE A 344 -12.27 -19.52 -6.40
CA PHE A 344 -11.15 -19.93 -7.27
C PHE A 344 -11.39 -19.53 -8.72
N PHE A 345 -10.62 -18.53 -9.17
CA PHE A 345 -10.70 -18.02 -10.53
C PHE A 345 -9.98 -18.97 -11.47
N LYS A 346 -10.51 -19.13 -12.70
CA LYS A 346 -9.90 -19.93 -13.78
C LYS A 346 -9.08 -18.92 -14.56
N THR A 347 -7.75 -19.08 -14.56
CA THR A 347 -6.88 -18.16 -15.28
C THR A 347 -6.75 -18.57 -16.74
N GLU A 348 -6.25 -17.62 -17.54
CA GLU A 348 -5.98 -17.70 -18.97
C GLU A 348 -5.23 -19.00 -19.33
N ASP A 349 -4.08 -19.19 -18.72
CA ASP A 349 -3.22 -20.33 -19.00
C ASP A 349 -3.36 -21.46 -17.99
N GLY A 350 -4.59 -21.90 -17.78
CA GLY A 350 -4.94 -23.05 -16.96
C GLY A 350 -4.78 -23.06 -15.46
N GLY A 351 -4.26 -21.99 -14.85
CA GLY A 351 -4.06 -21.97 -13.41
C GLY A 351 -5.34 -21.75 -12.62
N LYS A 352 -5.24 -21.87 -11.28
CA LYS A 352 -6.32 -21.56 -10.33
C LYS A 352 -5.79 -20.44 -9.43
N TYR A 353 -6.56 -19.33 -9.33
CA TYR A 353 -6.15 -18.18 -8.53
C TYR A 353 -7.17 -17.93 -7.43
N PRO A 354 -6.92 -18.49 -6.23
CA PRO A 354 -7.87 -18.28 -5.12
C PRO A 354 -7.88 -16.83 -4.63
N VAL A 355 -9.07 -16.33 -4.32
CA VAL A 355 -9.24 -14.98 -3.76
C VAL A 355 -10.09 -15.08 -2.49
N ILE A 356 -10.05 -14.04 -1.67
CA ILE A 356 -10.95 -13.85 -0.53
C ILE A 356 -11.77 -12.65 -1.00
N PHE A 357 -13.05 -12.87 -1.25
CA PHE A 357 -13.87 -11.76 -1.64
C PHE A 357 -14.76 -11.42 -0.45
N LYS A 358 -14.60 -10.21 0.09
CA LYS A 358 -15.36 -9.76 1.24
C LYS A 358 -16.46 -8.84 0.79
N HIS A 359 -17.62 -8.92 1.43
CA HIS A 359 -18.74 -8.03 1.23
C HIS A 359 -19.29 -7.64 2.60
N GLY A 360 -19.34 -6.35 2.88
CA GLY A 360 -19.81 -5.82 4.15
C GLY A 360 -18.69 -5.32 5.05
N ASP A 361 -17.48 -5.17 4.50
CA ASP A 361 -16.31 -4.64 5.21
C ASP A 361 -15.56 -3.70 4.29
N ASP A 362 -14.85 -2.70 4.88
CA ASP A 362 -13.99 -1.72 4.20
C ASP A 362 -12.55 -2.28 4.19
N LEU A 363 -11.99 -2.57 2.99
CA LEU A 363 -10.65 -3.18 2.92
C LEU A 363 -9.49 -2.19 2.73
N ARG A 364 -9.76 -0.88 2.84
CA ARG A 364 -8.78 0.19 2.61
C ARG A 364 -7.62 0.25 3.59
N GLN A 365 -7.81 -0.13 4.88
CA GLN A 365 -6.67 -0.12 5.82
C GLN A 365 -5.70 -1.24 5.44
N ASP A 366 -6.24 -2.46 5.26
CA ASP A 366 -5.51 -3.63 4.83
C ASP A 366 -4.88 -3.40 3.48
N GLN A 367 -5.54 -2.62 2.60
CA GLN A 367 -5.05 -2.31 1.27
C GLN A 367 -3.80 -1.44 1.36
N LEU A 368 -3.84 -0.40 2.20
CA LEU A 368 -2.70 0.49 2.39
C LEU A 368 -1.50 -0.26 2.98
N ILE A 369 -1.71 -1.05 4.07
CA ILE A 369 -0.65 -1.83 4.74
C ILE A 369 0.08 -2.78 3.76
N LEU A 370 -0.69 -3.56 2.95
CA LEU A 370 -0.15 -4.50 1.97
C LEU A 370 0.55 -3.81 0.83
N GLN A 371 0.16 -2.56 0.47
CA GLN A 371 0.87 -1.84 -0.58
C GLN A 371 2.20 -1.28 -0.02
N ILE A 372 2.22 -0.96 1.30
CA ILE A 372 3.41 -0.50 2.00
C ILE A 372 4.37 -1.69 2.22
N ILE A 373 3.83 -2.85 2.66
CA ILE A 373 4.66 -4.05 2.82
C ILE A 373 5.32 -4.37 1.43
N SER A 374 4.51 -4.31 0.33
CA SER A 374 4.97 -4.53 -1.04
C SER A 374 6.06 -3.51 -1.43
N LEU A 375 5.92 -2.22 -1.00
CA LEU A 375 6.93 -1.20 -1.26
C LEU A 375 8.22 -1.52 -0.46
N MET A 376 8.07 -1.80 0.85
CA MET A 376 9.19 -2.15 1.73
C MET A 376 9.96 -3.37 1.21
N ASP A 377 9.23 -4.40 0.73
CA ASP A 377 9.85 -5.56 0.14
C ASP A 377 10.63 -5.14 -1.11
N LYS A 378 10.05 -4.27 -1.98
CA LYS A 378 10.70 -3.81 -3.23
C LYS A 378 12.00 -3.04 -3.01
N LEU A 379 12.06 -2.19 -1.94
CA LEU A 379 13.24 -1.41 -1.63
C LEU A 379 14.28 -2.30 -1.05
N LEU A 380 13.86 -3.28 -0.22
CA LEU A 380 14.75 -4.27 0.39
C LEU A 380 15.44 -5.08 -0.70
N ARG A 381 14.65 -5.62 -1.67
CA ARG A 381 15.11 -6.36 -2.84
C ARG A 381 16.08 -5.48 -3.67
N LYS A 382 15.73 -4.19 -3.81
CA LYS A 382 16.54 -3.17 -4.49
C LYS A 382 17.95 -3.10 -3.82
N GLU A 383 18.00 -3.25 -2.48
CA GLU A 383 19.21 -3.24 -1.66
C GLU A 383 19.81 -4.65 -1.52
N ASN A 384 19.37 -5.57 -2.41
CA ASN A 384 19.76 -6.99 -2.46
C ASN A 384 19.61 -7.66 -1.10
N LEU A 385 18.35 -7.72 -0.63
CA LEU A 385 17.95 -8.36 0.61
C LEU A 385 16.52 -8.86 0.42
N ASP A 386 16.37 -10.11 -0.11
CA ASP A 386 15.09 -10.77 -0.34
C ASP A 386 14.88 -11.59 0.89
N LEU A 387 13.95 -11.14 1.75
CA LEU A 387 13.63 -11.78 3.01
C LEU A 387 12.44 -12.76 2.90
N LYS A 388 12.05 -13.15 1.66
CA LYS A 388 10.99 -14.12 1.38
C LYS A 388 9.65 -13.71 2.06
N LEU A 389 9.16 -12.50 1.71
CA LEU A 389 7.94 -11.90 2.26
C LEU A 389 6.72 -12.22 1.41
N THR A 390 5.53 -12.09 2.00
CA THR A 390 4.28 -12.36 1.31
C THR A 390 3.51 -11.06 1.15
N PRO A 391 3.89 -10.15 0.23
CA PRO A 391 3.08 -8.94 0.05
C PRO A 391 1.88 -9.27 -0.83
N TYR A 392 0.97 -10.15 -0.31
CA TYR A 392 -0.22 -10.58 -1.04
C TYR A 392 -1.09 -9.39 -1.43
N LYS A 393 -1.73 -9.49 -2.59
CA LYS A 393 -2.51 -8.39 -3.13
C LYS A 393 -3.86 -8.23 -2.43
N VAL A 394 -4.26 -6.97 -2.21
CA VAL A 394 -5.55 -6.58 -1.63
C VAL A 394 -6.02 -5.40 -2.43
N LEU A 395 -7.27 -5.46 -2.92
CA LEU A 395 -7.86 -4.36 -3.66
C LEU A 395 -9.29 -4.14 -3.25
N ALA A 396 -9.63 -2.95 -2.74
CA ALA A 396 -11.01 -2.63 -2.40
C ALA A 396 -11.73 -2.29 -3.72
N THR A 397 -12.84 -2.96 -4.01
CA THR A 397 -13.64 -2.67 -5.22
C THR A 397 -14.81 -1.72 -4.89
N SER A 398 -14.88 -1.26 -3.64
CA SER A 398 -15.83 -0.32 -3.05
C SER A 398 -15.38 -0.10 -1.59
N THR A 399 -16.11 0.75 -0.87
CA THR A 399 -15.89 1.03 0.54
C THR A 399 -16.50 -0.14 1.34
N LYS A 400 -17.46 -0.87 0.70
CA LYS A 400 -18.23 -1.99 1.28
C LYS A 400 -17.74 -3.36 0.85
N HIS A 401 -16.89 -3.45 -0.18
CA HIS A 401 -16.36 -4.74 -0.66
C HIS A 401 -15.01 -4.65 -1.37
N GLY A 402 -14.36 -5.80 -1.51
CA GLY A 402 -13.05 -5.93 -2.13
C GLY A 402 -12.48 -7.33 -2.16
N PHE A 403 -11.34 -7.46 -2.86
CA PHE A 403 -10.60 -8.67 -3.11
C PHE A 403 -9.31 -8.81 -2.29
N MET A 404 -8.88 -10.05 -2.08
CA MET A 404 -7.64 -10.42 -1.37
C MET A 404 -7.01 -11.64 -2.02
N GLN A 405 -5.70 -11.60 -2.23
CA GLN A 405 -4.99 -12.69 -2.86
C GLN A 405 -4.76 -13.79 -1.83
N PHE A 406 -5.41 -14.93 -2.03
CA PHE A 406 -5.30 -16.03 -1.10
C PHE A 406 -4.02 -16.81 -1.31
N ILE A 407 -3.24 -16.99 -0.22
CA ILE A 407 -1.97 -17.74 -0.17
C ILE A 407 -2.16 -19.04 0.62
N GLN A 408 -1.86 -20.21 0.02
CA GLN A 408 -1.92 -21.48 0.76
C GLN A 408 -0.96 -21.40 1.97
N SER A 409 -1.53 -21.47 3.16
CA SER A 409 -0.80 -21.32 4.41
C SER A 409 -1.56 -21.94 5.58
N VAL A 410 -0.86 -22.11 6.70
CA VAL A 410 -1.45 -22.65 7.92
C VAL A 410 -1.18 -21.67 9.07
N PRO A 411 -2.22 -21.26 9.86
CA PRO A 411 -1.96 -20.37 11.01
C PRO A 411 -1.02 -21.04 12.02
N VAL A 412 -0.12 -20.27 12.64
CA VAL A 412 0.85 -20.77 13.64
C VAL A 412 0.12 -21.55 14.76
N ALA A 413 -1.07 -21.04 15.18
CA ALA A 413 -2.01 -21.63 16.14
C ALA A 413 -2.34 -23.07 15.73
N GLU A 414 -2.82 -23.28 14.48
CA GLU A 414 -3.09 -24.62 13.97
C GLU A 414 -1.84 -25.50 14.03
N VAL A 415 -0.67 -25.00 13.52
CA VAL A 415 0.64 -25.69 13.48
C VAL A 415 1.00 -26.31 14.86
N LEU A 416 0.87 -25.49 15.90
CA LEU A 416 1.11 -25.83 17.29
C LEU A 416 0.08 -26.84 17.80
N ASP A 417 -1.21 -26.66 17.43
CA ASP A 417 -2.30 -27.53 17.89
C ASP A 417 -2.48 -28.80 17.03
N THR A 418 -1.58 -29.06 16.08
CA THR A 418 -1.69 -30.25 15.24
C THR A 418 -0.36 -30.99 15.21
N GLU A 419 0.77 -30.25 15.31
CA GLU A 419 2.12 -30.83 15.24
C GLU A 419 2.97 -30.57 16.51
N GLY A 420 2.47 -29.71 17.40
CA GLY A 420 3.15 -29.38 18.64
C GLY A 420 4.07 -28.19 18.54
N SER A 421 4.99 -28.21 17.55
CA SER A 421 5.96 -27.16 17.30
C SER A 421 6.11 -26.80 15.81
N ILE A 422 6.72 -25.62 15.55
CA ILE A 422 7.03 -25.13 14.21
C ILE A 422 8.10 -26.04 13.57
N GLN A 423 9.08 -26.51 14.38
CA GLN A 423 10.11 -27.47 13.97
C GLN A 423 9.50 -28.86 13.64
N ASN A 424 8.39 -29.23 14.32
CA ASN A 424 7.70 -30.49 13.99
C ASN A 424 7.05 -30.40 12.62
N PHE A 425 6.27 -29.33 12.38
CA PHE A 425 5.63 -29.02 11.10
C PHE A 425 6.66 -29.13 9.97
N PHE A 426 7.81 -28.45 10.15
CA PHE A 426 8.91 -28.35 9.19
C PHE A 426 9.61 -29.67 8.91
N ARG A 427 9.76 -30.55 9.92
CA ARG A 427 10.38 -31.89 9.76
C ARG A 427 9.41 -32.80 8.97
N LYS A 428 8.10 -32.63 9.18
CA LYS A 428 7.03 -33.39 8.51
C LYS A 428 6.97 -33.10 7.01
N TYR A 429 7.04 -31.81 6.62
CA TYR A 429 6.88 -31.38 5.25
C TYR A 429 8.17 -31.05 4.53
N ALA A 430 9.26 -30.79 5.25
CA ALA A 430 10.54 -30.49 4.60
C ALA A 430 11.69 -31.14 5.37
N PRO A 431 11.70 -32.49 5.51
CA PRO A 431 12.81 -33.11 6.24
C PRO A 431 14.08 -33.16 5.42
N SER A 432 15.22 -33.05 6.10
CA SER A 432 16.58 -33.17 5.54
C SER A 432 17.49 -33.59 6.66
N GLU A 433 18.18 -34.76 6.51
CA GLU A 433 19.09 -35.30 7.54
C GLU A 433 20.26 -34.38 7.83
N ASN A 434 20.89 -33.85 6.75
CA ASN A 434 22.02 -32.90 6.79
C ASN A 434 21.60 -31.53 7.31
N GLY A 435 20.30 -31.20 7.16
CA GLY A 435 19.70 -29.92 7.52
C GLY A 435 19.60 -29.59 9.01
N PRO A 436 19.47 -28.29 9.35
CA PRO A 436 19.38 -27.89 10.77
C PRO A 436 18.14 -28.43 11.48
N ASN A 437 18.38 -29.23 12.49
CA ASN A 437 17.37 -29.89 13.34
C ASN A 437 16.46 -30.85 12.54
N GLY A 438 17.00 -31.42 11.46
CA GLY A 438 16.34 -32.39 10.61
C GLY A 438 15.42 -31.83 9.54
N ILE A 439 15.44 -30.48 9.38
CA ILE A 439 14.67 -29.63 8.45
C ILE A 439 15.58 -29.17 7.32
N SER A 440 15.02 -29.08 6.09
CA SER A 440 15.70 -28.55 4.89
C SER A 440 16.27 -27.18 5.22
N ALA A 441 17.56 -26.97 4.91
CA ALA A 441 18.20 -25.68 5.17
C ALA A 441 17.51 -24.54 4.43
N GLU A 442 17.06 -24.76 3.17
CA GLU A 442 16.33 -23.77 2.36
C GLU A 442 15.11 -23.23 3.15
N VAL A 443 14.32 -24.14 3.72
CA VAL A 443 13.13 -23.83 4.53
C VAL A 443 13.53 -23.10 5.81
N MET A 444 14.62 -23.51 6.44
CA MET A 444 15.11 -22.84 7.64
C MET A 444 15.59 -21.42 7.30
N ASP A 445 16.26 -21.25 6.16
CA ASP A 445 16.78 -19.98 5.67
C ASP A 445 15.60 -19.04 5.37
N THR A 446 14.52 -19.57 4.75
CA THR A 446 13.29 -18.86 4.41
C THR A 446 12.58 -18.44 5.70
N TYR A 447 12.56 -19.32 6.72
CA TYR A 447 11.95 -19.03 8.00
C TYR A 447 12.65 -17.89 8.76
N VAL A 448 13.97 -17.94 8.85
CA VAL A 448 14.77 -16.92 9.55
C VAL A 448 14.58 -15.52 8.89
N LYS A 449 14.71 -15.48 7.55
CA LYS A 449 14.59 -14.30 6.69
C LYS A 449 13.21 -13.60 6.82
N SER A 450 12.12 -14.36 6.64
CA SER A 450 10.75 -13.83 6.74
C SER A 450 10.37 -13.40 8.14
N CYS A 451 10.91 -14.06 9.18
CA CYS A 451 10.66 -13.69 10.58
C CYS A 451 11.26 -12.32 10.85
N ALA A 452 12.53 -12.13 10.43
CA ALA A 452 13.26 -10.88 10.58
C ALA A 452 12.57 -9.73 9.81
N GLY A 453 12.21 -9.98 8.57
CA GLY A 453 11.48 -9.04 7.71
C GLY A 453 10.15 -8.60 8.28
N TYR A 454 9.36 -9.55 8.76
CA TYR A 454 8.08 -9.22 9.36
C TYR A 454 8.19 -8.60 10.74
N CYS A 455 9.28 -8.89 11.49
CA CYS A 455 9.48 -8.32 12.82
C CYS A 455 9.66 -6.83 12.77
N VAL A 456 10.50 -6.37 11.81
CA VAL A 456 10.84 -4.98 11.54
C VAL A 456 9.62 -4.29 10.88
N ILE A 457 9.06 -4.90 9.81
CA ILE A 457 7.94 -4.30 9.09
C ILE A 457 6.75 -4.10 10.02
N THR A 458 6.37 -5.13 10.77
CA THR A 458 5.25 -4.95 11.68
C THR A 458 5.62 -3.97 12.84
N TYR A 459 6.92 -3.79 13.16
CA TYR A 459 7.37 -2.84 14.18
C TYR A 459 7.20 -1.37 13.67
N ILE A 460 7.61 -1.09 12.40
CA ILE A 460 7.54 0.23 11.74
C ILE A 460 6.09 0.68 11.53
N LEU A 461 5.23 -0.26 11.16
CA LEU A 461 3.82 -0.01 10.87
C LEU A 461 2.94 -0.11 12.15
N GLY A 462 3.57 -0.35 13.31
CA GLY A 462 2.89 -0.48 14.59
C GLY A 462 1.69 -1.41 14.58
N VAL A 463 1.83 -2.55 13.92
CA VAL A 463 0.76 -3.54 13.75
C VAL A 463 0.35 -4.16 15.12
N GLY A 464 -0.93 -4.00 15.46
CA GLY A 464 -1.53 -4.49 16.70
C GLY A 464 -2.37 -5.73 16.51
N ASP A 465 -2.91 -6.27 17.63
CA ASP A 465 -3.78 -7.46 17.67
C ASP A 465 -3.05 -8.68 17.09
N ARG A 466 -1.82 -8.89 17.55
CA ARG A 466 -1.04 -10.00 17.03
C ARG A 466 -1.23 -11.23 17.86
N HIS A 467 -1.60 -12.32 17.20
CA HIS A 467 -1.82 -13.59 17.84
C HIS A 467 -1.57 -14.68 16.82
N LEU A 468 -1.27 -15.90 17.27
CA LEU A 468 -0.93 -17.04 16.43
C LEU A 468 -1.94 -17.36 15.33
N ASP A 469 -3.20 -16.88 15.47
CA ASP A 469 -4.25 -17.09 14.45
C ASP A 469 -4.06 -16.14 13.27
N ASN A 470 -3.33 -15.00 13.46
CA ASN A 470 -3.08 -14.06 12.37
C ASN A 470 -1.56 -13.91 12.06
N LEU A 471 -0.87 -15.06 12.11
CA LEU A 471 0.54 -15.30 11.78
C LEU A 471 0.54 -16.64 11.10
N LEU A 472 0.93 -16.64 9.83
CA LEU A 472 0.83 -17.82 9.00
C LEU A 472 2.13 -18.31 8.46
N LEU A 473 2.19 -19.64 8.39
CA LEU A 473 3.33 -20.43 7.94
C LEU A 473 3.03 -21.19 6.65
N THR A 474 4.05 -21.33 5.79
CA THR A 474 3.95 -22.12 4.55
C THR A 474 4.99 -23.24 4.63
N LYS A 475 4.70 -24.34 3.93
CA LYS A 475 5.56 -25.51 3.92
C LYS A 475 6.91 -25.22 3.28
N THR A 476 7.08 -24.01 2.70
CA THR A 476 8.37 -23.55 2.13
C THR A 476 9.18 -22.75 3.17
N GLY A 477 8.59 -22.56 4.35
CA GLY A 477 9.19 -21.84 5.46
C GLY A 477 8.81 -20.37 5.57
N LYS A 478 7.87 -19.90 4.74
CA LYS A 478 7.45 -18.51 4.71
C LYS A 478 6.55 -18.19 5.87
N LEU A 479 7.02 -17.25 6.73
CA LEU A 479 6.20 -16.72 7.82
C LEU A 479 5.59 -15.36 7.32
N PHE A 480 4.32 -15.07 7.66
CA PHE A 480 3.71 -13.79 7.31
C PHE A 480 2.53 -13.40 8.22
N HIS A 481 2.18 -12.12 8.21
CA HIS A 481 1.09 -11.59 8.98
C HIS A 481 -0.12 -11.39 8.09
N ILE A 482 -1.34 -11.38 8.70
CA ILE A 482 -2.63 -11.13 8.06
C ILE A 482 -3.48 -10.23 8.94
N ASP A 483 -4.65 -9.77 8.44
CA ASP A 483 -5.62 -8.92 9.17
C ASP A 483 -4.99 -7.74 9.92
N PHE A 484 -4.94 -6.58 9.24
CA PHE A 484 -4.34 -5.37 9.77
C PHE A 484 -5.40 -4.34 10.26
N GLY A 485 -6.29 -4.84 11.13
CA GLY A 485 -7.36 -4.05 11.75
C GLY A 485 -6.87 -2.95 12.68
N TYR A 486 -5.71 -3.19 13.34
CA TYR A 486 -5.06 -2.28 14.28
C TYR A 486 -3.62 -2.06 13.82
N ILE A 487 -3.29 -0.82 13.52
CA ILE A 487 -1.98 -0.35 13.05
C ILE A 487 -1.65 0.97 13.76
N LEU A 488 -0.41 1.46 13.60
CA LEU A 488 0.07 2.74 14.14
C LEU A 488 -0.07 2.88 15.67
N GLY A 489 0.07 1.78 16.38
CA GLY A 489 0.01 1.81 17.83
C GLY A 489 -1.31 1.41 18.44
N ARG A 490 -2.35 1.15 17.62
CA ARG A 490 -3.61 0.69 18.17
C ARG A 490 -3.53 -0.82 18.47
N ASP A 491 -4.36 -1.30 19.41
CA ASP A 491 -4.46 -2.70 19.83
C ASP A 491 -5.72 -2.83 20.68
N PRO A 492 -6.48 -3.93 20.59
CA PRO A 492 -7.66 -4.09 21.46
C PRO A 492 -7.33 -4.07 22.97
N LYS A 493 -6.11 -4.55 23.36
CA LYS A 493 -5.60 -4.58 24.74
C LYS A 493 -4.68 -3.38 25.02
N PRO A 494 -4.72 -2.78 26.24
CA PRO A 494 -3.84 -1.64 26.52
C PRO A 494 -2.38 -2.04 26.74
N LEU A 495 -1.45 -1.07 26.52
CA LEU A 495 0.01 -1.22 26.61
C LEU A 495 0.54 -2.49 25.88
N PRO A 496 0.49 -2.50 24.53
CA PRO A 496 0.96 -3.69 23.80
C PRO A 496 2.46 -3.68 23.53
N PRO A 497 3.13 -4.86 23.33
CA PRO A 497 4.58 -4.83 23.06
C PRO A 497 4.95 -4.16 21.72
N PRO A 498 6.07 -3.39 21.71
CA PRO A 498 6.49 -2.73 20.45
C PRO A 498 6.94 -3.71 19.36
N MET A 499 7.41 -4.92 19.77
CA MET A 499 7.80 -6.00 18.87
C MET A 499 6.92 -7.24 19.04
N LYS A 500 6.54 -7.78 17.88
CA LYS A 500 5.64 -8.89 17.66
C LYS A 500 6.41 -10.22 17.56
N LEU A 501 7.05 -10.62 18.67
CA LEU A 501 7.81 -11.87 18.75
C LEU A 501 7.19 -12.79 19.79
N ASN A 502 7.65 -14.05 19.85
CA ASN A 502 7.24 -15.03 20.85
C ASN A 502 8.18 -16.24 20.92
N LYS A 503 8.07 -16.97 22.06
CA LYS A 503 8.81 -18.18 22.42
C LYS A 503 8.81 -19.18 21.24
N GLU A 504 7.60 -19.51 20.74
CA GLU A 504 7.35 -20.45 19.64
C GLU A 504 8.00 -20.08 18.32
N MET A 505 8.17 -18.77 18.06
CA MET A 505 8.81 -18.28 16.84
C MET A 505 10.31 -18.57 16.88
N VAL A 506 10.94 -18.30 18.03
CA VAL A 506 12.37 -18.51 18.30
C VAL A 506 12.67 -19.99 18.33
N GLU A 507 11.77 -20.78 18.97
CA GLU A 507 11.85 -22.23 19.07
C GLU A 507 11.99 -22.79 17.64
N GLY A 508 11.24 -22.22 16.70
CA GLY A 508 11.23 -22.58 15.29
C GLY A 508 12.58 -22.44 14.62
N MET A 509 13.37 -21.45 15.06
CA MET A 509 14.74 -21.19 14.59
C MET A 509 15.72 -22.17 15.27
N GLY A 510 15.32 -22.70 16.43
CA GLY A 510 16.13 -23.61 17.24
C GLY A 510 16.54 -23.01 18.56
N GLY A 511 15.77 -22.01 19.03
CA GLY A 511 16.03 -21.30 20.29
C GLY A 511 17.12 -20.23 20.25
N THR A 512 17.27 -19.52 21.38
CA THR A 512 18.21 -18.39 21.54
C THR A 512 19.70 -18.72 21.36
N GLN A 513 20.07 -20.01 21.45
CA GLN A 513 21.50 -20.35 21.33
C GLN A 513 21.93 -20.80 19.94
N SER A 514 20.96 -20.88 18.98
CA SER A 514 21.19 -21.32 17.60
C SER A 514 21.92 -20.30 16.71
N GLU A 515 22.52 -20.81 15.62
CA GLU A 515 23.22 -20.04 14.60
C GLU A 515 22.13 -19.23 13.86
N GLN A 516 20.95 -19.89 13.66
CA GLN A 516 19.76 -19.36 13.00
C GLN A 516 19.26 -18.13 13.76
N TYR A 517 19.29 -18.17 15.13
CA TYR A 517 18.87 -17.05 15.96
C TYR A 517 19.78 -15.83 15.77
N GLN A 518 21.09 -16.04 15.56
CA GLN A 518 22.04 -14.96 15.28
C GLN A 518 21.70 -14.29 13.96
N GLU A 519 21.55 -15.11 12.89
CA GLU A 519 21.18 -14.68 11.55
C GLU A 519 19.87 -13.86 11.53
N PHE A 520 18.90 -14.22 12.40
CA PHE A 520 17.63 -13.48 12.57
C PHE A 520 17.91 -12.04 13.03
N ARG A 521 18.77 -11.90 14.05
CA ARG A 521 19.15 -10.60 14.61
C ARG A 521 19.88 -9.76 13.55
N LYS A 522 20.83 -10.40 12.82
CA LYS A 522 21.65 -9.82 11.76
C LYS A 522 20.73 -9.27 10.68
N GLN A 523 19.72 -10.08 10.27
CA GLN A 523 18.75 -9.71 9.23
C GLN A 523 17.82 -8.57 9.65
N CYS A 524 17.33 -8.59 10.92
CA CYS A 524 16.52 -7.54 11.54
C CYS A 524 17.19 -6.15 11.45
N TYR A 525 18.42 -6.03 11.99
CA TYR A 525 19.12 -4.76 12.03
C TYR A 525 19.65 -4.35 10.62
N THR A 526 19.78 -5.29 9.69
CA THR A 526 20.23 -4.97 8.32
C THR A 526 19.04 -4.37 7.58
N ALA A 527 17.88 -5.04 7.69
CA ALA A 527 16.60 -4.63 7.13
C ALA A 527 16.21 -3.22 7.66
N PHE A 528 16.35 -3.02 8.98
CA PHE A 528 16.03 -1.79 9.68
C PHE A 528 16.87 -0.63 9.17
N LEU A 529 18.19 -0.84 8.93
CA LEU A 529 19.06 0.23 8.43
C LEU A 529 18.66 0.66 7.03
N HIS A 530 18.26 -0.32 6.19
CA HIS A 530 17.83 -0.13 4.80
C HIS A 530 16.56 0.64 4.72
N LEU A 531 15.55 0.25 5.56
CA LEU A 531 14.25 0.88 5.58
C LEU A 531 14.37 2.33 6.05
N ARG A 532 15.33 2.59 6.97
CA ARG A 532 15.64 3.93 7.46
C ARG A 532 16.18 4.80 6.26
N ARG A 533 16.97 4.20 5.33
CA ARG A 533 17.52 4.90 4.15
C ARG A 533 16.41 5.43 3.24
N TYR A 534 15.21 4.79 3.27
CA TYR A 534 14.05 5.20 2.49
C TYR A 534 12.95 5.82 3.39
N SER A 535 13.33 6.34 4.58
CA SER A 535 12.38 6.96 5.51
C SER A 535 11.68 8.15 4.85
N ASN A 536 12.40 8.99 4.07
CA ASN A 536 11.74 10.12 3.40
C ASN A 536 10.65 9.64 2.43
N LEU A 537 10.92 8.55 1.68
CA LEU A 537 9.93 7.99 0.75
C LEU A 537 8.71 7.43 1.47
N ILE A 538 8.93 6.67 2.57
CA ILE A 538 7.85 6.05 3.34
C ILE A 538 7.01 7.13 4.02
N LEU A 539 7.68 8.11 4.66
CA LEU A 539 7.04 9.23 5.38
C LEU A 539 6.23 10.13 4.46
N ASN A 540 6.69 10.38 3.22
CA ASN A 540 5.97 11.18 2.20
C ASN A 540 4.69 10.48 1.76
N LEU A 541 4.76 9.16 1.57
CA LEU A 541 3.62 8.35 1.15
C LEU A 541 2.53 8.34 2.22
N PHE A 542 2.93 8.21 3.48
CA PHE A 542 2.02 8.28 4.62
C PHE A 542 1.48 9.70 4.81
N SER A 543 2.28 10.72 4.42
CA SER A 543 1.91 12.14 4.47
C SER A 543 0.71 12.34 3.55
N LEU A 544 0.74 11.72 2.37
CA LEU A 544 -0.38 11.73 1.42
C LEU A 544 -1.60 10.88 1.86
N MET A 545 -1.55 10.15 3.00
CA MET A 545 -2.68 9.30 3.44
C MET A 545 -3.54 9.90 4.55
N VAL A 546 -3.18 11.09 5.05
CA VAL A 546 -3.85 11.77 6.16
C VAL A 546 -5.36 12.05 5.95
N ASP A 547 -5.75 12.36 4.68
CA ASP A 547 -7.13 12.67 4.36
C ASP A 547 -7.86 11.50 3.72
N ALA A 548 -7.30 10.29 3.83
CA ALA A 548 -7.95 9.06 3.36
C ALA A 548 -8.75 8.58 4.56
N ASN A 549 -9.90 7.94 4.33
CA ASN A 549 -10.73 7.49 5.46
C ASN A 549 -10.32 6.07 5.95
N ILE A 550 -9.03 5.96 6.38
CA ILE A 550 -8.40 4.76 6.92
C ILE A 550 -8.60 4.90 8.44
N PRO A 551 -9.40 4.00 9.06
CA PRO A 551 -9.77 4.16 10.48
C PRO A 551 -8.67 4.64 11.45
N ASP A 552 -7.52 3.97 11.50
CA ASP A 552 -6.45 4.29 12.42
C ASP A 552 -5.69 5.56 12.04
N ILE A 553 -5.89 6.08 10.82
CA ILE A 553 -5.28 7.34 10.40
C ILE A 553 -6.28 8.47 10.68
N ALA A 554 -7.58 8.21 10.36
CA ALA A 554 -8.72 9.12 10.54
C ALA A 554 -8.82 9.57 12.01
N LEU A 555 -8.45 8.65 12.92
CA LEU A 555 -8.41 8.78 14.37
C LEU A 555 -7.62 10.00 14.88
N GLU A 556 -6.47 10.32 14.23
CA GLU A 556 -5.54 11.41 14.59
C GLU A 556 -4.71 11.71 13.34
N PRO A 557 -5.25 12.41 12.31
CA PRO A 557 -4.45 12.60 11.06
C PRO A 557 -3.16 13.39 11.28
N ASP A 558 -3.29 14.44 12.07
CA ASP A 558 -2.29 15.41 12.47
C ASP A 558 -1.09 14.79 13.20
N LYS A 559 -1.25 13.55 13.76
CA LYS A 559 -0.22 12.84 14.54
C LYS A 559 0.17 11.47 13.96
N THR A 560 -0.35 11.12 12.76
CA THR A 560 -0.17 9.82 12.10
C THR A 560 1.27 9.60 11.57
N VAL A 561 1.79 10.51 10.76
CA VAL A 561 3.13 10.39 10.16
C VAL A 561 4.28 10.38 11.22
N LYS A 562 4.13 11.16 12.33
CA LYS A 562 5.09 11.20 13.44
C LYS A 562 5.17 9.79 14.08
N LYS A 563 4.02 9.09 14.15
CA LYS A 563 3.96 7.71 14.66
C LYS A 563 4.91 6.75 13.87
N VAL A 564 5.00 6.91 12.54
CA VAL A 564 5.88 6.11 11.67
C VAL A 564 7.30 6.64 11.83
N GLN A 565 7.47 7.97 11.76
CA GLN A 565 8.77 8.64 11.84
C GLN A 565 9.56 8.22 13.06
N ASP A 566 8.88 8.15 14.22
CA ASP A 566 9.47 7.81 15.50
C ASP A 566 9.99 6.39 15.57
N LYS A 567 9.33 5.43 14.86
CA LYS A 567 9.74 4.03 14.80
C LYS A 567 11.12 3.87 14.15
N PHE A 568 11.45 4.73 13.14
CA PHE A 568 12.73 4.73 12.43
C PHE A 568 13.90 5.15 13.31
N ARG A 569 13.61 5.88 14.43
CA ARG A 569 14.60 6.41 15.38
C ARG A 569 15.75 7.09 14.64
N LEU A 570 15.38 8.06 13.80
CA LEU A 570 16.30 8.82 12.97
C LEU A 570 17.25 9.70 13.79
N ASP A 571 16.93 9.89 15.08
CA ASP A 571 17.74 10.62 16.06
C ASP A 571 19.05 9.84 16.33
N LEU A 572 19.05 8.51 16.08
CA LEU A 572 20.17 7.60 16.27
C LEU A 572 20.98 7.47 15.01
N SER A 573 22.27 7.15 15.17
CA SER A 573 23.18 6.86 14.06
C SER A 573 22.92 5.41 13.69
N ASP A 574 23.41 4.93 12.53
CA ASP A 574 23.20 3.53 12.14
C ASP A 574 23.73 2.51 13.22
N GLU A 575 24.87 2.80 13.88
CA GLU A 575 25.40 1.98 14.98
C GLU A 575 24.48 2.03 16.23
N GLU A 576 23.97 3.21 16.60
CA GLU A 576 23.04 3.32 17.74
C GLU A 576 21.74 2.57 17.38
N ALA A 577 21.28 2.69 16.10
CA ALA A 577 20.10 2.05 15.52
C ALA A 577 20.20 0.53 15.57
N VAL A 578 21.37 -0.03 15.17
CA VAL A 578 21.69 -1.47 15.21
C VAL A 578 21.58 -1.97 16.66
N HIS A 579 22.15 -1.24 17.64
CA HIS A 579 22.04 -1.64 19.04
C HIS A 579 20.61 -1.52 19.57
N TYR A 580 19.88 -0.47 19.14
CA TYR A 580 18.49 -0.23 19.52
C TYR A 580 17.59 -1.41 19.09
N MET A 581 17.76 -1.86 17.82
CA MET A 581 17.06 -3.00 17.25
C MET A 581 17.33 -4.28 18.07
N GLN A 582 18.62 -4.54 18.45
CA GLN A 582 19.00 -5.69 19.30
C GLN A 582 18.27 -5.67 20.65
N SER A 583 18.12 -4.48 21.26
CA SER A 583 17.43 -4.28 22.55
C SER A 583 15.98 -4.64 22.43
N LEU A 584 15.29 -4.16 21.36
CA LEU A 584 13.90 -4.48 21.08
C LEU A 584 13.74 -6.01 20.92
N ILE A 585 14.60 -6.66 20.09
CA ILE A 585 14.57 -8.11 19.87
C ILE A 585 14.77 -8.86 21.20
N ASP A 586 15.86 -8.52 21.95
CA ASP A 586 16.20 -9.14 23.24
C ASP A 586 15.11 -9.01 24.31
N GLU A 587 14.55 -7.80 24.49
CA GLU A 587 13.47 -7.52 25.43
C GLU A 587 12.22 -8.35 25.09
N SER A 588 11.84 -8.40 23.80
CA SER A 588 10.67 -9.14 23.33
C SER A 588 10.81 -10.64 23.52
N VAL A 589 12.02 -11.17 23.34
CA VAL A 589 12.32 -12.59 23.50
C VAL A 589 12.36 -12.95 25.00
N HIS A 590 13.08 -12.15 25.83
CA HIS A 590 13.20 -12.35 27.28
C HIS A 590 11.84 -12.24 28.02
N ALA A 591 10.90 -11.41 27.52
CA ALA A 591 9.58 -11.22 28.12
C ALA A 591 8.67 -12.41 27.81
S SO4 B . 7.21 -20.25 -2.26
O1 SO4 B . 6.07 -20.74 -1.47
O2 SO4 B . 7.00 -18.83 -2.55
O3 SO4 B . 8.47 -20.38 -1.52
O4 SO4 B . 7.29 -21.01 -3.52
C1 GOL C . -18.84 -2.94 -24.76
O1 GOL C . -18.63 -2.69 -26.14
C2 GOL C . -19.39 -1.72 -24.07
O2 GOL C . -20.68 -1.40 -24.62
C3 GOL C . -19.51 -1.98 -22.59
O3 GOL C . -19.98 -0.84 -21.90
C1 UJB D . -10.37 -13.98 7.59
C2 UJB D . -8.18 -13.77 6.40
N3 UJB D . -8.11 -12.45 6.78
N4 UJB D . -9.19 -14.64 7.00
N5 UJB D . -7.30 -14.32 5.53
C6 UJB D . -7.11 -11.60 6.18
C7 UJB D . -9.09 -11.81 7.70
C8 UJB D . -6.20 -13.59 5.00
C9 UJB D . -6.15 -12.22 5.30
O10 UJB D . -7.16 -10.42 6.50
C11 UJB D . -9.98 -12.78 8.47
C12 UJB D . -4.72 -13.47 3.04
C13 UJB D . -3.45 -14.15 2.59
O14 UJB D . -3.67 -15.51 2.24
C15 UJB D . -4.10 -16.30 3.38
C16 UJB D . -5.20 -15.69 4.23
N17 UJB D . -5.39 -14.20 4.16
C18 UJB D . -11.40 -13.68 6.53
F19 UJB D . -10.90 -13.10 5.45
F20 UJB D . -12.36 -12.88 6.98
F21 UJB D . -12.00 -14.79 6.12
S22 UJB D . -7.21 -17.81 8.45
C23 UJB D . -8.17 -16.79 7.54
C24 UJB D . -8.52 -17.26 6.33
C25 UJB D . -7.99 -18.54 6.09
C26 UJB D . -7.27 -18.98 7.15
CL UJB D . -6.52 -20.48 7.15
C28 UJB D . -8.56 -15.51 8.05
C29 UJB D . -5.66 -13.16 1.87
C30 UJB D . -4.99 -16.20 5.65
#